data_7OQD
#
_entry.id   7OQD
#
_cell.length_a   76.175
_cell.length_b   79.196
_cell.length_c   91.100
_cell.angle_alpha   90.000
_cell.angle_beta   90.000
_cell.angle_gamma   90.000
#
_symmetry.space_group_name_H-M   'P 21 21 21'
#
loop_
_entity.id
_entity.type
_entity.pdbx_description
1 polymer Arylsulfatase
2 non-polymer 3-O-sulfo-beta-D-galactopyranose
3 non-polymer 'CALCIUM ION'
4 water water
#
_entity_poly.entity_id   1
_entity_poly.type   'polypeptide(L)'
_entity_poly.pdbx_seq_one_letter_code
;MGSSHHHHHHSSGLVPRGSHMASQKNNTKPNILFILCDDMGYGDLGCYGQPFIRTPHLDAMASEGMRFTQAYAGSPVSAP
SRASFMTGQHTGHCEVRGNKEYWTNAPTVMYGNNKEYAVVGQHPYDPDHVILPEIMKENGYTTGMFGKWAGGYEGSCSTP
DKRGIDEYFGYICQFQAHLYYPNFLNRYSKALGDTGVVRVIMDENIKYPMYGADYQKRPQYSADMIHQKAMEWLDEQDGK
QPFFGVLTYTLPHAELVQPEDSILNEYKEKFNPDKSYKGSEGSRYNAITHVHAQFAGMITRLDYYVGEVLKKLKEKGLDE
NTLVIFSSDNGPHEEGGADPTFFGRDGKLRGLKRQCYEGGIRIPFIARWPGRVPAGTVNDHICAFYDLMPTFCEIIGEKN
YVKKYANKDKEVDYFDGISFAPTLLGKKKQKEHDFLYWEFNETNQIGVRMGDWKMVVKKGIPFLYNLATDIHEDNNVADQ
HPEIVEKMKAVIFAQHTPNPHFSVTLPEKK
;
_entity_poly.pdbx_strand_id   AAA
#
# COMPACT_ATOMS: atom_id res chain seq x y z
N THR A 28 -25.81 8.69 11.39
CA THR A 28 -24.68 8.78 12.37
C THR A 28 -23.34 8.59 11.64
N LYS A 29 -23.38 7.99 10.43
CA LYS A 29 -22.23 7.75 9.51
C LYS A 29 -21.22 6.81 10.16
N PRO A 30 -20.77 5.76 9.46
CA PRO A 30 -19.82 4.81 10.04
C PRO A 30 -18.38 5.32 10.00
N ASN A 31 -17.55 4.83 10.92
CA ASN A 31 -16.09 5.04 10.93
C ASN A 31 -15.50 4.06 9.90
N ILE A 32 -14.34 4.39 9.31
CA ILE A 32 -13.60 3.51 8.36
C ILE A 32 -12.10 3.59 8.66
N LEU A 33 -11.47 2.43 8.88
CA LEU A 33 -9.98 2.25 8.99
C LEU A 33 -9.47 1.39 7.83
N PHE A 34 -8.45 1.89 7.13
CA PHE A 34 -7.71 1.18 6.05
C PHE A 34 -6.26 0.98 6.49
N ILE A 35 -5.93 -0.28 6.78
CA ILE A 35 -4.55 -0.72 7.15
C ILE A 35 -3.89 -1.21 5.87
N LEU A 36 -2.95 -0.41 5.34
CA LEU A 36 -2.22 -0.69 4.06
C LEU A 36 -0.74 -0.79 4.35
N CYS A 37 -0.18 -2.00 4.32
CA CYS A 37 1.26 -2.27 4.59
C CYS A 37 2.06 -2.23 3.28
N ASP A 38 3.37 -2.51 3.36
CA ASP A 38 4.42 -2.13 2.38
C ASP A 38 5.23 -3.38 1.98
N ASP A 39 5.08 -3.83 0.72
CA ASP A 39 5.82 -4.97 0.10
C ASP A 39 5.41 -6.31 0.73
N MET A 40 4.12 -6.57 0.96
CA MET A 40 3.60 -7.91 1.40
C MET A 40 2.94 -8.63 0.21
N GLY A 41 3.32 -9.90 -0.01
CA GLY A 41 2.81 -10.76 -1.10
C GLY A 41 1.45 -11.43 -0.82
N TYR A 42 0.75 -11.82 -1.87
CA TYR A 42 -0.53 -12.59 -1.83
C TYR A 42 -0.43 -13.85 -0.94
N GLY A 43 0.75 -14.49 -0.87
CA GLY A 43 1.03 -15.75 -0.16
C GLY A 43 1.83 -15.61 1.14
N ASP A 44 1.95 -14.41 1.73
CA ASP A 44 2.83 -14.17 2.92
C ASP A 44 2.02 -14.28 4.23
N LEU A 45 0.69 -14.40 4.15
CA LEU A 45 -0.20 -14.59 5.32
C LEU A 45 -0.67 -16.05 5.43
N GLY A 46 -0.85 -16.52 6.67
CA GLY A 46 -1.46 -17.84 7.03
C GLY A 46 -2.76 -18.15 6.31
N CYS A 47 -3.77 -17.27 6.33
CA CYS A 47 -5.14 -17.51 5.77
C CYS A 47 -5.12 -17.58 4.22
N TYR A 48 -4.03 -17.16 3.57
CA TYR A 48 -3.85 -17.27 2.10
C TYR A 48 -2.88 -18.43 1.79
N GLY A 49 -2.15 -18.94 2.79
CA GLY A 49 -1.49 -20.25 2.73
C GLY A 49 0.00 -20.25 3.03
N GLN A 50 0.52 -19.25 3.74
CA GLN A 50 1.94 -19.17 4.21
C GLN A 50 2.20 -20.32 5.19
N PRO A 51 3.32 -21.08 5.08
CA PRO A 51 3.58 -22.19 6.02
C PRO A 51 4.63 -21.97 7.14
N PHE A 52 5.45 -20.92 7.09
CA PHE A 52 6.56 -20.69 8.05
C PHE A 52 6.37 -19.48 8.98
N ILE A 53 5.35 -18.64 8.77
CA ILE A 53 5.09 -17.41 9.58
C ILE A 53 3.70 -17.52 10.22
N ARG A 54 3.58 -17.24 11.54
CA ARG A 54 2.28 -17.13 12.28
C ARG A 54 1.65 -15.74 12.04
N THR A 55 0.39 -15.72 11.61
CA THR A 55 -0.43 -14.48 11.48
C THR A 55 -1.80 -14.73 12.10
N PRO A 56 -1.87 -14.95 13.44
CA PRO A 56 -3.12 -15.33 14.09
C PRO A 56 -4.18 -14.22 14.20
N HIS A 57 -3.78 -12.95 14.37
CA HIS A 57 -4.73 -11.83 14.53
C HIS A 57 -5.46 -11.58 13.19
N LEU A 58 -4.74 -11.53 12.07
CA LEU A 58 -5.33 -11.32 10.71
C LEU A 58 -6.14 -12.54 10.26
N ASP A 59 -5.76 -13.76 10.65
CA ASP A 59 -6.50 -15.00 10.25
C ASP A 59 -7.83 -15.03 11.01
N ALA A 60 -7.84 -14.57 12.27
CA ALA A 60 -9.08 -14.44 13.08
C ALA A 60 -9.94 -13.34 12.45
N MET A 61 -9.31 -12.26 11.96
CA MET A 61 -10.04 -11.15 11.30
C MET A 61 -10.79 -11.72 10.09
N ALA A 62 -10.11 -12.48 9.22
CA ALA A 62 -10.73 -13.14 8.04
C ALA A 62 -11.82 -14.14 8.46
N SER A 63 -11.62 -14.89 9.54
N SER A 63 -11.59 -14.88 9.55
CA SER A 63 -12.61 -15.90 10.01
CA SER A 63 -12.52 -15.89 10.11
C SER A 63 -13.87 -15.17 10.47
C SER A 63 -13.84 -15.20 10.51
N GLU A 64 -13.75 -13.94 10.97
CA GLU A 64 -14.92 -13.09 11.33
C GLU A 64 -15.21 -12.12 10.19
N GLY A 65 -14.59 -12.32 9.00
CA GLY A 65 -14.63 -11.34 7.91
C GLY A 65 -14.90 -11.94 6.54
N MET A 66 -14.49 -11.17 5.51
CA MET A 66 -14.60 -11.51 4.06
C MET A 66 -13.22 -11.42 3.42
N ARG A 67 -12.74 -12.54 2.88
CA ARG A 67 -11.38 -12.70 2.30
C ARG A 67 -11.50 -12.65 0.76
N PHE A 68 -10.84 -11.67 0.13
CA PHE A 68 -10.89 -11.43 -1.34
C PHE A 68 -9.74 -12.21 -2.00
N THR A 69 -10.05 -12.91 -3.11
CA THR A 69 -9.12 -13.81 -3.82
C THR A 69 -8.57 -13.17 -5.11
N GLN A 70 -9.30 -12.22 -5.71
CA GLN A 70 -8.95 -11.54 -6.98
C GLN A 70 -8.98 -10.02 -6.81
N ALA A 71 -8.18 -9.50 -5.84
CA ALA A 71 -7.98 -8.06 -5.52
C ALA A 71 -6.58 -7.59 -5.91
N TYR A 72 -6.49 -6.38 -6.51
CA TYR A 72 -5.25 -5.86 -7.13
C TYR A 72 -4.88 -4.48 -6.57
N ALA A 73 -3.57 -4.26 -6.45
CA ALA A 73 -2.91 -2.94 -6.26
C ALA A 73 -3.22 -2.04 -7.47
N GLY A 74 -2.94 -0.74 -7.36
CA GLY A 74 -3.06 0.22 -8.47
C GLY A 74 -1.87 0.10 -9.43
N SER A 75 -0.75 -0.41 -8.91
CA SER A 75 0.56 -0.54 -9.61
C SER A 75 1.36 -1.66 -8.98
N PRO A 76 2.33 -2.27 -9.72
CA PRO A 76 3.35 -3.13 -9.11
C PRO A 76 4.43 -2.45 -8.26
N VAL A 77 4.32 -1.13 -8.01
CA VAL A 77 5.27 -0.38 -7.12
C VAL A 77 4.52 0.73 -6.36
N SER A 78 5.10 1.18 -5.24
CA SER A 78 4.49 1.93 -4.12
C SER A 78 3.73 3.20 -4.56
N ALA A 79 4.44 4.21 -5.10
CA ALA A 79 3.88 5.58 -5.25
C ALA A 79 2.64 5.58 -6.15
N PRO A 80 2.71 5.03 -7.39
CA PRO A 80 1.51 4.94 -8.24
C PRO A 80 0.36 4.11 -7.66
N SER A 81 0.66 3.02 -6.94
CA SER A 81 -0.36 2.16 -6.27
C SER A 81 -1.13 3.01 -5.25
N ARG A 82 -0.40 3.74 -4.41
CA ARG A 82 -0.97 4.68 -3.39
C ARG A 82 -1.73 5.84 -4.09
N ALA A 83 -1.20 6.38 -5.19
CA ALA A 83 -1.85 7.44 -6.01
C ALA A 83 -3.20 6.97 -6.55
N SER A 84 -3.24 5.76 -7.12
CA SER A 84 -4.47 5.09 -7.62
C SER A 84 -5.56 5.04 -6.54
N PHE A 85 -5.21 4.52 -5.37
CA PHE A 85 -6.12 4.48 -4.18
C PHE A 85 -6.66 5.90 -3.88
N MET A 86 -5.76 6.89 -3.77
CA MET A 86 -6.11 8.28 -3.38
C MET A 86 -6.97 8.97 -4.46
N THR A 87 -6.69 8.73 -5.76
CA THR A 87 -7.26 9.49 -6.90
C THR A 87 -8.52 8.84 -7.48
N GLY A 88 -8.69 7.53 -7.33
CA GLY A 88 -9.76 6.78 -8.03
C GLY A 88 -9.48 6.70 -9.52
N GLN A 89 -8.19 6.69 -9.88
CA GLN A 89 -7.74 6.65 -11.30
C GLN A 89 -6.73 5.51 -11.51
N HIS A 90 -6.74 4.90 -12.69
CA HIS A 90 -5.74 3.89 -13.10
C HIS A 90 -4.54 4.61 -13.71
N THR A 91 -3.43 3.89 -13.90
CA THR A 91 -2.09 4.41 -14.32
C THR A 91 -2.04 4.78 -15.82
N GLY A 92 -3.11 4.58 -16.58
CA GLY A 92 -3.23 5.13 -17.95
C GLY A 92 -3.62 6.59 -17.92
N HIS A 93 -4.13 7.06 -16.77
CA HIS A 93 -4.65 8.45 -16.58
C HIS A 93 -3.90 9.20 -15.47
N CYS A 94 -3.34 8.53 -14.44
CA CYS A 94 -2.91 9.19 -13.16
C CYS A 94 -1.66 10.06 -13.42
N GLU A 95 -1.54 11.19 -12.71
CA GLU A 95 -0.34 12.10 -12.71
C GLU A 95 0.91 11.33 -12.27
N VAL A 96 0.79 10.49 -11.23
CA VAL A 96 1.89 9.66 -10.65
C VAL A 96 1.74 8.23 -11.18
N ARG A 97 2.72 7.77 -11.98
CA ARG A 97 2.74 6.43 -12.62
C ARG A 97 4.03 5.68 -12.26
N GLY A 98 4.86 6.23 -11.37
CA GLY A 98 6.12 5.59 -10.96
C GLY A 98 6.71 6.28 -9.75
N ASN A 99 7.90 5.84 -9.35
CA ASN A 99 8.72 6.48 -8.29
C ASN A 99 9.62 7.52 -8.96
N LYS A 100 9.52 8.80 -8.56
CA LYS A 100 10.40 9.91 -9.00
C LYS A 100 10.83 10.70 -7.76
N GLU A 101 12.15 10.90 -7.60
CA GLU A 101 12.76 11.48 -6.39
C GLU A 101 12.98 12.98 -6.60
N TYR A 102 12.79 13.77 -5.54
CA TYR A 102 12.98 15.24 -5.55
C TYR A 102 14.02 15.63 -4.52
N TRP A 103 14.78 14.68 -3.96
CA TRP A 103 15.77 14.94 -2.88
C TRP A 103 17.21 14.82 -3.40
N THR A 104 17.41 14.22 -4.58
CA THR A 104 18.74 13.81 -5.10
C THR A 104 19.71 15.01 -5.12
N ASN A 105 19.29 16.22 -5.51
CA ASN A 105 20.17 17.42 -5.47
C ASN A 105 19.68 18.42 -4.42
N ALA A 106 19.18 17.98 -3.26
CA ALA A 106 18.77 18.89 -2.17
C ALA A 106 20.02 19.19 -1.34
N PRO A 107 20.13 20.40 -0.74
CA PRO A 107 21.23 20.70 0.17
C PRO A 107 21.22 19.84 1.45
N THR A 108 22.37 19.73 2.11
CA THR A 108 22.60 18.95 3.37
C THR A 108 21.97 19.68 4.56
N VAL A 109 21.78 18.96 5.67
CA VAL A 109 21.59 19.49 7.05
C VAL A 109 22.18 18.43 7.99
N MET A 110 22.99 18.82 8.99
CA MET A 110 23.72 17.89 9.90
C MET A 110 22.87 17.62 11.15
N TYR A 111 22.52 16.35 11.44
CA TYR A 111 21.99 15.89 12.75
C TYR A 111 23.08 15.07 13.46
N GLY A 112 23.76 15.67 14.46
CA GLY A 112 25.03 15.15 14.99
C GLY A 112 26.08 15.16 13.88
N ASN A 113 26.74 14.02 13.63
CA ASN A 113 27.75 13.87 12.56
C ASN A 113 27.11 13.30 11.29
N ASN A 114 25.78 13.27 11.22
CA ASN A 114 25.01 12.61 10.13
C ASN A 114 24.55 13.67 9.11
N LYS A 115 25.13 13.64 7.91
CA LYS A 115 24.73 14.48 6.74
C LYS A 115 23.38 13.95 6.28
N GLU A 116 22.33 14.79 6.35
CA GLU A 116 20.92 14.45 5.96
C GLU A 116 20.41 15.47 4.93
N TYR A 117 19.43 15.08 4.12
CA TYR A 117 18.79 15.89 3.04
C TYR A 117 17.77 16.87 3.64
N ALA A 118 17.90 18.14 3.27
CA ALA A 118 17.14 19.30 3.82
C ALA A 118 15.72 19.36 3.25
N VAL A 119 15.44 18.65 2.15
CA VAL A 119 14.08 18.48 1.52
C VAL A 119 13.98 17.03 1.06
N VAL A 120 12.90 16.32 1.42
CA VAL A 120 12.73 14.88 1.13
C VAL A 120 11.37 14.63 0.46
N GLY A 121 11.31 13.61 -0.40
CA GLY A 121 10.06 13.02 -0.90
C GLY A 121 10.01 12.85 -2.40
N GLN A 122 8.79 12.66 -2.92
CA GLN A 122 8.51 12.09 -4.25
C GLN A 122 7.65 13.12 -5.02
N HIS A 123 7.11 12.72 -6.17
CA HIS A 123 6.32 13.56 -7.09
C HIS A 123 4.98 13.90 -6.46
N PRO A 124 4.53 15.16 -6.47
CA PRO A 124 3.21 15.50 -5.91
C PRO A 124 1.97 15.11 -6.74
N TYR A 125 0.90 14.74 -6.05
CA TYR A 125 -0.46 14.55 -6.62
C TYR A 125 -0.88 15.86 -7.32
N ASP A 126 -1.58 15.78 -8.44
CA ASP A 126 -2.15 16.96 -9.15
C ASP A 126 -3.09 17.71 -8.19
N PRO A 127 -2.88 19.03 -7.97
CA PRO A 127 -3.71 19.82 -7.06
C PRO A 127 -5.14 20.10 -7.56
N ASP A 128 -5.40 19.80 -8.85
CA ASP A 128 -6.72 20.03 -9.52
C ASP A 128 -7.53 18.73 -9.63
N HIS A 129 -7.04 17.59 -9.14
CA HIS A 129 -7.85 16.34 -8.99
C HIS A 129 -8.05 15.99 -7.51
N VAL A 130 -9.30 15.72 -7.11
CA VAL A 130 -9.70 15.48 -5.69
C VAL A 130 -9.09 14.16 -5.21
N ILE A 131 -8.71 14.08 -3.93
CA ILE A 131 -8.35 12.80 -3.25
C ILE A 131 -9.40 12.47 -2.15
N LEU A 132 -9.38 11.21 -1.69
CA LEU A 132 -10.36 10.56 -0.78
C LEU A 132 -10.44 11.29 0.56
N PRO A 133 -9.34 11.62 1.27
CA PRO A 133 -9.43 12.40 2.52
C PRO A 133 -10.23 13.72 2.44
N GLU A 134 -10.28 14.37 1.26
CA GLU A 134 -10.97 15.67 1.05
C GLU A 134 -12.48 15.40 0.92
N ILE A 135 -12.89 14.26 0.35
CA ILE A 135 -14.33 13.88 0.22
C ILE A 135 -14.91 13.60 1.62
N MET A 136 -14.17 12.87 2.45
CA MET A 136 -14.56 12.52 3.84
C MET A 136 -14.76 13.80 4.65
N LYS A 137 -13.80 14.72 4.59
CA LYS A 137 -13.88 16.05 5.28
C LYS A 137 -15.21 16.72 4.87
N GLU A 138 -15.48 16.89 3.57
CA GLU A 138 -16.73 17.52 3.06
C GLU A 138 -17.95 16.85 3.71
N ASN A 139 -17.87 15.55 4.07
CA ASN A 139 -19.03 14.76 4.58
C ASN A 139 -19.01 14.71 6.12
N GLY A 140 -18.21 15.54 6.79
CA GLY A 140 -18.26 15.72 8.26
C GLY A 140 -17.31 14.82 9.06
N TYR A 141 -16.46 14.01 8.41
CA TYR A 141 -15.47 13.09 9.08
C TYR A 141 -14.31 13.89 9.66
N THR A 142 -13.64 13.37 10.71
CA THR A 142 -12.29 13.81 11.14
C THR A 142 -11.27 12.81 10.60
N THR A 143 -10.11 13.25 10.09
CA THR A 143 -9.22 12.40 9.26
C THR A 143 -7.83 12.20 9.90
N GLY A 144 -7.34 10.94 9.92
CA GLY A 144 -6.03 10.57 10.48
C GLY A 144 -5.18 9.72 9.52
N MET A 145 -3.86 9.94 9.50
CA MET A 145 -2.96 9.12 8.66
C MET A 145 -1.62 8.90 9.37
N PHE A 146 -1.22 7.65 9.59
CA PHE A 146 -0.03 7.26 10.42
C PHE A 146 0.87 6.31 9.61
N GLY A 147 2.05 6.80 9.21
CA GLY A 147 3.10 6.06 8.45
C GLY A 147 3.63 6.79 7.21
N LYS A 148 3.66 6.12 6.06
CA LYS A 148 4.37 6.60 4.83
C LYS A 148 3.43 7.43 3.97
N TRP A 149 3.86 8.62 3.52
CA TRP A 149 3.03 9.57 2.71
C TRP A 149 3.22 9.26 1.21
N ALA A 150 4.42 9.52 0.66
CA ALA A 150 4.82 9.23 -0.74
C ALA A 150 3.86 9.88 -1.79
N GLY A 151 3.18 10.98 -1.43
CA GLY A 151 2.30 11.76 -2.34
C GLY A 151 2.88 13.13 -2.70
N GLY A 152 4.09 13.48 -2.27
CA GLY A 152 4.63 14.84 -2.47
C GLY A 152 5.69 15.22 -1.45
N TYR A 153 6.72 15.90 -1.94
CA TYR A 153 7.90 16.35 -1.16
C TYR A 153 7.50 17.49 -0.20
N GLU A 154 8.28 17.65 0.88
CA GLU A 154 8.19 18.75 1.88
C GLU A 154 8.16 20.09 1.12
N GLY A 155 7.13 20.90 1.35
CA GLY A 155 7.01 22.21 0.69
C GLY A 155 6.21 22.14 -0.62
N SER A 156 5.81 20.93 -1.07
CA SER A 156 5.14 20.75 -2.37
C SER A 156 3.65 21.12 -2.27
N CYS A 157 2.94 21.11 -3.40
CA CYS A 157 1.49 21.43 -3.49
C CYS A 157 0.62 20.30 -2.86
N SER A 158 1.22 19.13 -2.58
CA SER A 158 0.51 17.94 -2.03
C SER A 158 1.25 17.34 -0.81
N THR A 159 1.07 17.96 0.36
CA THR A 159 1.49 17.43 1.69
C THR A 159 0.21 17.18 2.47
N PRO A 160 0.16 16.38 3.56
CA PRO A 160 -1.13 16.00 4.16
C PRO A 160 -1.98 17.20 4.66
N ASP A 161 -1.35 18.24 5.21
CA ASP A 161 -2.01 19.49 5.70
C ASP A 161 -2.91 20.09 4.62
N LYS A 162 -2.46 20.12 3.37
CA LYS A 162 -3.17 20.79 2.24
C LYS A 162 -4.18 19.83 1.61
N ARG A 163 -4.06 18.53 1.84
CA ARG A 163 -4.91 17.59 1.08
C ARG A 163 -5.85 16.82 2.00
N GLY A 164 -6.28 17.43 3.12
CA GLY A 164 -7.48 17.01 3.88
C GLY A 164 -7.17 16.04 5.02
N ILE A 165 -5.94 16.08 5.54
CA ILE A 165 -5.54 15.28 6.74
C ILE A 165 -5.42 16.20 7.96
N ASP A 166 -6.23 15.92 9.00
CA ASP A 166 -6.24 16.64 10.29
C ASP A 166 -5.02 16.26 11.15
N GLU A 167 -4.67 14.98 11.18
CA GLU A 167 -3.62 14.44 12.09
C GLU A 167 -2.77 13.43 11.32
N TYR A 168 -1.51 13.80 11.08
CA TYR A 168 -0.49 12.99 10.36
C TYR A 168 0.75 12.78 11.24
N PHE A 169 1.34 11.58 11.20
CA PHE A 169 2.68 11.28 11.80
C PHE A 169 3.35 10.16 11.00
N GLY A 170 4.62 10.32 10.62
CA GLY A 170 5.37 9.24 9.97
C GLY A 170 6.47 9.73 9.03
N TYR A 171 6.67 9.05 7.90
CA TYR A 171 7.71 9.36 6.86
C TYR A 171 7.05 10.05 5.65
N ILE A 172 7.43 11.30 5.37
CA ILE A 172 7.02 11.99 4.10
C ILE A 172 7.58 11.22 2.89
N CYS A 173 8.82 10.74 3.00
CA CYS A 173 9.66 10.26 1.86
C CYS A 173 9.88 8.73 1.92
N GLN A 174 9.57 8.06 0.79
CA GLN A 174 9.73 6.59 0.56
C GLN A 174 11.17 6.14 0.85
N PHE A 175 12.15 7.00 0.55
CA PHE A 175 13.59 6.67 0.68
C PHE A 175 13.96 6.78 2.15
N GLN A 176 13.34 7.72 2.88
CA GLN A 176 13.63 7.93 4.32
C GLN A 176 13.20 6.68 5.09
N ALA A 177 12.08 6.06 4.68
CA ALA A 177 11.43 4.88 5.32
C ALA A 177 12.36 3.64 5.29
N HIS A 178 13.38 3.64 4.43
CA HIS A 178 14.41 2.56 4.35
C HIS A 178 15.04 2.28 5.73
N LEU A 179 15.25 3.30 6.59
CA LEU A 179 15.81 3.17 7.97
C LEU A 179 14.69 3.13 9.03
N TYR A 180 14.63 2.03 9.81
CA TYR A 180 13.68 1.84 10.94
C TYR A 180 14.19 2.58 12.19
N TYR A 181 15.42 3.08 12.17
CA TYR A 181 15.97 3.92 13.26
C TYR A 181 16.46 5.24 12.64
N PRO A 182 15.55 6.10 12.13
CA PRO A 182 15.95 7.32 11.38
C PRO A 182 16.38 8.54 12.23
N ASN A 183 16.92 9.57 11.58
CA ASN A 183 17.37 10.86 12.19
C ASN A 183 16.17 11.77 12.58
N PHE A 184 15.02 11.62 11.90
CA PHE A 184 13.76 12.37 12.18
C PHE A 184 12.56 11.64 11.57
N LEU A 185 11.36 11.95 12.10
CA LEU A 185 10.06 11.66 11.45
C LEU A 185 9.29 12.98 11.23
N ASN A 186 8.21 12.93 10.45
CA ASN A 186 7.37 14.10 10.07
C ASN A 186 6.08 14.08 10.90
N ARG A 187 5.56 15.27 11.20
CA ARG A 187 4.29 15.45 11.93
C ARG A 187 3.49 16.61 11.31
N TYR A 188 2.17 16.43 11.19
CA TYR A 188 1.17 17.54 11.14
C TYR A 188 0.02 17.25 12.12
N SER A 189 -0.15 18.10 13.14
CA SER A 189 -1.19 17.94 14.19
C SER A 189 -1.94 19.27 14.44
N LYS A 190 -3.15 19.40 13.89
CA LYS A 190 -4.10 20.46 14.31
C LYS A 190 -4.10 20.58 15.84
N ALA A 191 -4.23 19.47 16.57
CA ALA A 191 -4.37 19.46 18.05
C ALA A 191 -3.22 20.21 18.71
N LEU A 192 -1.98 20.06 18.21
CA LEU A 192 -0.78 20.78 18.72
C LEU A 192 -0.67 22.18 18.07
N GLY A 193 -1.57 22.52 17.14
CA GLY A 193 -1.58 23.80 16.41
C GLY A 193 -0.31 24.00 15.58
N ASP A 194 0.20 22.93 14.95
CA ASP A 194 1.17 23.02 13.83
C ASP A 194 0.51 23.85 12.72
N THR A 195 1.26 24.70 12.02
CA THR A 195 0.80 25.48 10.84
C THR A 195 1.02 24.69 9.54
N GLY A 196 1.82 23.62 9.59
CA GLY A 196 2.15 22.72 8.45
C GLY A 196 3.05 21.57 8.88
N VAL A 197 3.68 20.86 7.95
CA VAL A 197 4.52 19.67 8.28
C VAL A 197 5.78 20.17 8.97
N VAL A 198 6.13 19.60 10.13
CA VAL A 198 7.45 19.82 10.79
C VAL A 198 8.23 18.50 10.81
N ARG A 199 9.51 18.59 11.14
CA ARG A 199 10.39 17.44 11.48
C ARG A 199 10.45 17.30 13.01
N VAL A 200 10.13 16.10 13.53
CA VAL A 200 10.41 15.72 14.94
C VAL A 200 11.75 14.98 14.95
N ILE A 201 12.78 15.59 15.56
CA ILE A 201 14.16 15.02 15.62
C ILE A 201 14.20 13.89 16.65
N MET A 202 14.67 12.70 16.25
CA MET A 202 14.86 11.51 17.13
C MET A 202 16.20 11.70 17.86
N ASP A 203 16.17 12.24 19.08
CA ASP A 203 17.34 12.85 19.78
C ASP A 203 18.41 11.81 20.16
N GLU A 204 18.03 10.57 20.45
CA GLU A 204 18.99 9.53 20.91
C GLU A 204 19.59 8.81 19.69
N ASN A 205 18.83 8.67 18.60
CA ASN A 205 19.28 8.00 17.35
C ASN A 205 20.43 8.77 16.71
N ILE A 206 20.37 10.11 16.72
CA ILE A 206 21.29 10.99 15.95
C ILE A 206 22.69 10.92 16.55
N LYS A 207 22.84 10.34 17.74
CA LYS A 207 24.16 10.23 18.44
C LYS A 207 25.04 9.16 17.79
N TYR A 208 24.46 8.32 16.90
CA TYR A 208 25.07 7.10 16.33
C TYR A 208 25.05 7.18 14.81
N PRO A 209 26.04 6.56 14.10
CA PRO A 209 26.04 6.48 12.64
C PRO A 209 24.72 5.96 12.03
N MET A 210 24.58 6.10 10.72
CA MET A 210 23.40 5.67 9.92
C MET A 210 23.66 4.29 9.31
N TYR A 211 24.92 3.87 9.28
CA TYR A 211 25.38 2.61 8.63
C TYR A 211 26.59 2.05 9.40
N GLY A 212 26.71 0.73 9.49
CA GLY A 212 27.84 0.04 10.15
C GLY A 212 27.49 -0.55 11.50
N ALA A 213 28.50 -1.07 12.20
CA ALA A 213 28.34 -1.88 13.43
C ALA A 213 27.53 -1.11 14.48
N ASP A 214 27.74 0.20 14.57
CA ASP A 214 27.19 1.08 15.65
C ASP A 214 25.74 1.49 15.37
N TYR A 215 25.18 1.19 14.18
CA TYR A 215 23.80 1.61 13.80
C TYR A 215 22.79 1.00 14.79
N GLN A 216 23.00 -0.22 15.28
CA GLN A 216 21.98 -0.93 16.11
C GLN A 216 22.01 -0.40 17.56
N LYS A 217 22.95 0.51 17.88
CA LYS A 217 22.95 1.24 19.18
C LYS A 217 21.81 2.28 19.20
N ARG A 218 21.19 2.59 18.05
CA ARG A 218 20.01 3.48 17.96
C ARG A 218 18.84 2.78 18.66
N PRO A 219 18.22 3.40 19.68
CA PRO A 219 17.05 2.80 20.34
C PRO A 219 15.63 3.22 19.90
N GLN A 220 15.48 4.27 19.08
CA GLN A 220 14.12 4.77 18.70
C GLN A 220 13.63 4.09 17.40
N TYR A 221 12.86 3.01 17.55
CA TYR A 221 12.36 2.15 16.45
C TYR A 221 11.10 2.80 15.87
N SER A 222 11.09 3.06 14.55
CA SER A 222 10.03 3.85 13.85
C SER A 222 8.66 3.20 14.02
N ALA A 223 8.51 1.91 13.66
CA ALA A 223 7.23 1.17 13.57
C ALA A 223 6.52 1.12 14.92
N ASP A 224 7.27 0.97 16.02
CA ASP A 224 6.66 1.06 17.38
C ASP A 224 6.14 2.49 17.62
N MET A 225 7.00 3.50 17.40
CA MET A 225 6.71 4.93 17.68
C MET A 225 5.51 5.40 16.85
N ILE A 226 5.40 4.99 15.57
CA ILE A 226 4.28 5.32 14.64
C ILE A 226 3.00 4.57 15.08
N HIS A 227 3.08 3.30 15.50
CA HIS A 227 1.92 2.50 15.98
C HIS A 227 1.32 3.17 17.22
N GLN A 228 2.15 3.69 18.13
CA GLN A 228 1.68 4.34 19.38
C GLN A 228 0.87 5.62 19.05
N LYS A 229 1.32 6.37 18.05
CA LYS A 229 0.70 7.67 17.70
C LYS A 229 -0.68 7.39 17.13
N ALA A 230 -0.80 6.32 16.32
CA ALA A 230 -2.08 5.86 15.71
C ALA A 230 -3.06 5.50 16.82
N MET A 231 -2.58 4.80 17.84
CA MET A 231 -3.34 4.32 19.01
C MET A 231 -3.74 5.49 19.91
N GLU A 232 -2.90 6.52 20.06
CA GLU A 232 -3.27 7.73 20.84
C GLU A 232 -4.43 8.44 20.14
N TRP A 233 -4.36 8.56 18.80
CA TRP A 233 -5.39 9.23 17.97
C TRP A 233 -6.71 8.53 18.25
N LEU A 234 -6.72 7.20 18.13
CA LEU A 234 -7.95 6.35 18.20
C LEU A 234 -8.62 6.53 19.57
N ASP A 235 -7.82 6.62 20.65
CA ASP A 235 -8.35 6.70 22.03
C ASP A 235 -8.98 8.08 22.28
N GLU A 236 -8.64 9.09 21.47
CA GLU A 236 -9.31 10.41 21.50
C GLU A 236 -10.67 10.34 20.79
N GLN A 237 -10.94 9.32 19.98
CA GLN A 237 -12.20 9.21 19.19
C GLN A 237 -13.33 8.81 20.14
N ASP A 238 -14.53 9.32 19.86
CA ASP A 238 -15.80 8.93 20.52
C ASP A 238 -16.93 9.05 19.50
N GLY A 239 -18.16 8.67 19.86
CA GLY A 239 -19.28 8.47 18.91
C GLY A 239 -19.98 9.77 18.57
N LYS A 240 -19.30 10.90 18.65
CA LYS A 240 -19.85 12.18 18.15
C LYS A 240 -19.53 12.21 16.65
N GLN A 241 -18.34 12.67 16.29
CA GLN A 241 -17.89 12.82 14.88
C GLN A 241 -17.40 11.47 14.34
N PRO A 242 -17.82 11.06 13.12
CA PRO A 242 -17.21 9.91 12.43
C PRO A 242 -15.72 10.14 12.15
N PHE A 243 -14.92 9.06 12.03
CA PHE A 243 -13.44 9.13 11.83
C PHE A 243 -13.04 8.26 10.63
N PHE A 244 -12.05 8.74 9.87
CA PHE A 244 -11.43 8.05 8.71
C PHE A 244 -9.91 7.98 8.88
N GLY A 245 -9.38 6.77 9.06
CA GLY A 245 -7.97 6.52 9.41
C GLY A 245 -7.23 5.71 8.35
N VAL A 246 -6.07 6.19 7.91
CA VAL A 246 -5.17 5.47 6.97
C VAL A 246 -3.93 5.08 7.76
N LEU A 247 -3.76 3.79 8.03
CA LEU A 247 -2.57 3.24 8.76
C LEU A 247 -1.58 2.65 7.76
N THR A 248 -0.69 3.50 7.21
CA THR A 248 0.31 3.15 6.17
C THR A 248 1.64 2.74 6.82
N TYR A 249 1.63 1.73 7.69
CA TYR A 249 2.86 1.21 8.35
C TYR A 249 3.78 0.63 7.27
N THR A 250 5.09 0.73 7.50
CA THR A 250 6.12 0.35 6.51
C THR A 250 6.47 -1.14 6.57
N LEU A 251 5.95 -1.94 7.51
CA LEU A 251 6.29 -3.40 7.60
C LEU A 251 5.64 -4.10 6.41
N PRO A 252 6.21 -5.18 5.81
CA PRO A 252 7.59 -5.64 6.03
C PRO A 252 8.71 -5.22 5.03
N HIS A 253 8.61 -4.00 4.48
CA HIS A 253 9.64 -3.36 3.60
C HIS A 253 11.00 -3.40 4.29
N ALA A 254 12.08 -3.55 3.49
CA ALA A 254 13.51 -3.36 3.85
C ALA A 254 13.75 -1.98 4.46
N GLU A 255 14.73 -1.83 5.37
CA GLU A 255 15.72 -2.85 5.73
C GLU A 255 15.12 -3.93 6.66
N LEU A 256 15.84 -5.04 6.86
CA LEU A 256 15.42 -6.19 7.71
C LEU A 256 16.04 -6.06 9.11
N VAL A 257 15.77 -4.94 9.79
CA VAL A 257 16.28 -4.63 11.16
C VAL A 257 15.06 -4.28 12.03
N GLN A 258 15.03 -4.78 13.29
CA GLN A 258 13.90 -4.63 14.25
C GLN A 258 14.40 -4.82 15.68
N PRO A 259 13.52 -4.67 16.71
CA PRO A 259 13.92 -4.96 18.09
C PRO A 259 14.28 -6.44 18.28
N GLU A 260 15.35 -6.72 19.06
CA GLU A 260 15.90 -8.08 19.32
C GLU A 260 15.19 -8.68 20.53
N ASP A 261 13.88 -8.90 20.40
CA ASP A 261 12.97 -9.29 21.51
C ASP A 261 12.55 -10.75 21.32
N SER A 262 11.45 -11.17 21.96
CA SER A 262 10.89 -12.54 21.92
C SER A 262 10.41 -12.87 20.50
N ILE A 263 9.75 -11.93 19.82
CA ILE A 263 9.21 -12.15 18.44
C ILE A 263 10.33 -12.61 17.51
N LEU A 264 11.48 -11.93 17.49
CA LEU A 264 12.65 -12.29 16.64
C LEU A 264 13.23 -13.63 17.10
N ASN A 265 13.32 -13.86 18.42
CA ASN A 265 13.99 -15.06 19.01
C ASN A 265 13.19 -16.32 18.67
N GLU A 266 11.85 -16.27 18.68
CA GLU A 266 11.01 -17.43 18.26
C GLU A 266 11.47 -17.97 16.89
N TYR A 267 11.91 -17.09 15.98
CA TYR A 267 12.17 -17.45 14.55
C TYR A 267 13.67 -17.77 14.35
N LYS A 268 14.55 -17.24 15.19
CA LYS A 268 15.98 -17.66 15.19
C LYS A 268 16.06 -19.13 15.65
N GLU A 269 14.96 -19.62 16.26
CA GLU A 269 14.73 -20.97 16.82
C GLU A 269 14.25 -21.90 15.69
N LYS A 270 13.22 -21.48 15.00
CA LYS A 270 12.51 -22.29 13.97
C LYS A 270 13.35 -22.45 12.71
N PHE A 271 14.24 -21.49 12.38
CA PHE A 271 14.98 -21.45 11.08
C PHE A 271 16.46 -21.79 11.34
N ASN A 272 16.96 -22.89 10.77
CA ASN A 272 18.37 -23.34 11.00
C ASN A 272 18.78 -24.35 9.92
N PRO A 273 19.90 -24.15 9.19
CA PRO A 273 20.70 -22.92 9.24
C PRO A 273 19.92 -21.73 8.64
N ASP A 274 20.51 -20.52 8.65
CA ASP A 274 19.94 -19.27 8.04
C ASP A 274 21.05 -18.53 7.28
N LYS A 275 20.68 -17.50 6.51
CA LYS A 275 21.60 -16.67 5.69
C LYS A 275 21.74 -15.27 6.32
N SER A 276 22.70 -14.49 5.84
CA SER A 276 22.95 -13.09 6.28
C SER A 276 22.86 -12.11 5.10
N TYR A 277 23.02 -10.81 5.37
CA TYR A 277 22.97 -9.69 4.38
C TYR A 277 24.18 -8.79 4.59
N LYS A 278 24.89 -8.55 3.49
CA LYS A 278 26.16 -7.78 3.46
C LYS A 278 25.90 -6.28 3.67
N GLY A 279 24.73 -5.78 3.24
CA GLY A 279 24.30 -4.37 3.41
C GLY A 279 24.45 -3.57 2.12
N SER A 280 23.83 -2.38 2.07
CA SER A 280 23.81 -1.42 0.94
C SER A 280 23.75 0.01 1.49
N GLU A 281 24.90 0.66 1.68
CA GLU A 281 25.03 2.02 2.28
C GLU A 281 24.29 3.06 1.42
N GLY A 282 24.46 2.97 0.10
CA GLY A 282 23.79 3.83 -0.90
C GLY A 282 22.27 3.67 -0.92
N SER A 283 21.73 2.52 -0.47
CA SER A 283 20.28 2.23 -0.43
C SER A 283 19.70 2.35 0.98
N ARG A 284 20.50 2.74 1.97
CA ARG A 284 20.07 2.84 3.38
C ARG A 284 19.40 1.52 3.82
N TYR A 285 19.97 0.36 3.43
CA TYR A 285 19.61 -0.97 4.00
C TYR A 285 20.81 -1.50 4.77
N ASN A 286 20.70 -1.64 6.10
CA ASN A 286 21.83 -2.02 6.98
C ASN A 286 22.05 -3.54 6.87
N ALA A 287 23.31 -3.97 6.96
CA ALA A 287 23.76 -5.38 7.10
C ALA A 287 23.10 -6.00 8.34
N ILE A 288 22.76 -7.31 8.31
CA ILE A 288 22.03 -8.02 9.42
C ILE A 288 22.21 -9.54 9.24
N THR A 289 22.11 -10.34 10.33
CA THR A 289 22.20 -11.83 10.28
C THR A 289 20.81 -12.44 10.46
N HIS A 290 20.63 -13.74 10.10
CA HIS A 290 19.37 -14.54 10.30
C HIS A 290 18.21 -13.91 9.53
N VAL A 291 18.38 -13.74 8.21
CA VAL A 291 17.45 -12.96 7.35
C VAL A 291 16.07 -13.65 7.30
N HIS A 292 15.99 -14.99 7.25
CA HIS A 292 14.67 -15.68 7.28
C HIS A 292 13.97 -15.33 8.60
N ALA A 293 14.69 -15.37 9.73
CA ALA A 293 14.17 -14.96 11.06
C ALA A 293 13.71 -13.48 11.05
N GLN A 294 14.49 -12.56 10.47
CA GLN A 294 14.17 -11.10 10.47
C GLN A 294 12.80 -10.87 9.77
N PHE A 295 12.65 -11.40 8.55
CA PHE A 295 11.48 -11.19 7.68
C PHE A 295 10.23 -11.78 8.37
N ALA A 296 10.29 -13.01 8.89
CA ALA A 296 9.14 -13.68 9.55
C ALA A 296 8.72 -12.85 10.77
N GLY A 297 9.71 -12.38 11.56
CA GLY A 297 9.46 -11.56 12.75
C GLY A 297 8.71 -10.28 12.42
N MET A 298 9.06 -9.65 11.29
CA MET A 298 8.50 -8.34 10.87
C MET A 298 7.01 -8.50 10.51
N ILE A 299 6.59 -9.65 9.98
CA ILE A 299 5.16 -9.94 9.65
C ILE A 299 4.36 -10.32 10.91
N THR A 300 4.96 -11.06 11.86
CA THR A 300 4.29 -11.42 13.15
C THR A 300 4.16 -10.15 14.00
N ARG A 301 5.09 -9.20 13.85
CA ARG A 301 5.04 -7.91 14.58
C ARG A 301 3.84 -7.07 14.08
N LEU A 302 3.72 -6.94 12.74
CA LEU A 302 2.59 -6.21 12.09
C LEU A 302 1.25 -6.83 12.48
N ASP A 303 1.18 -8.17 12.48
CA ASP A 303 -0.04 -8.94 12.89
C ASP A 303 -0.41 -8.57 14.33
N TYR A 304 0.59 -8.46 15.23
CA TYR A 304 0.39 -8.06 16.65
C TYR A 304 -0.19 -6.64 16.75
N TYR A 305 0.37 -5.64 16.03
CA TYR A 305 -0.21 -4.26 15.94
C TYR A 305 -1.70 -4.32 15.58
N VAL A 306 -2.06 -5.11 14.56
CA VAL A 306 -3.48 -5.24 14.06
C VAL A 306 -4.36 -5.84 15.17
N GLY A 307 -3.77 -6.66 16.04
CA GLY A 307 -4.43 -7.22 17.25
C GLY A 307 -4.85 -6.13 18.21
N GLU A 308 -3.98 -5.14 18.42
CA GLU A 308 -4.19 -4.01 19.36
C GLU A 308 -5.23 -3.02 18.82
N VAL A 309 -5.32 -2.84 17.49
CA VAL A 309 -6.34 -1.97 16.81
C VAL A 309 -7.74 -2.56 17.03
N LEU A 310 -7.91 -3.86 16.75
CA LEU A 310 -9.23 -4.55 16.83
C LEU A 310 -9.70 -4.62 18.30
N LYS A 311 -8.81 -4.88 19.23
CA LYS A 311 -9.12 -4.90 20.68
C LYS A 311 -9.61 -3.52 21.13
N LYS A 312 -8.89 -2.45 20.73
CA LYS A 312 -9.14 -1.06 21.17
C LYS A 312 -10.52 -0.59 20.72
N LEU A 313 -10.94 -0.97 19.50
CA LEU A 313 -12.28 -0.66 18.92
C LEU A 313 -13.40 -1.29 19.78
N LYS A 314 -13.23 -2.54 20.22
CA LYS A 314 -14.16 -3.22 21.15
C LYS A 314 -14.12 -2.53 22.52
N GLU A 315 -12.93 -2.22 23.05
CA GLU A 315 -12.72 -1.58 24.38
C GLU A 315 -13.51 -0.26 24.45
N LYS A 316 -13.68 0.44 23.32
CA LYS A 316 -14.25 1.81 23.27
C LYS A 316 -15.68 1.80 22.70
N GLY A 317 -16.27 0.61 22.52
CA GLY A 317 -17.64 0.42 21.98
C GLY A 317 -17.80 0.91 20.55
N LEU A 318 -16.69 0.90 19.76
CA LEU A 318 -16.67 1.40 18.36
C LEU A 318 -16.90 0.27 17.33
N ASP A 319 -16.85 -1.01 17.75
CA ASP A 319 -16.68 -2.19 16.84
C ASP A 319 -17.89 -2.34 15.91
N GLU A 320 -19.13 -2.17 16.36
CA GLU A 320 -20.35 -2.45 15.52
C GLU A 320 -20.56 -1.38 14.43
N ASN A 321 -19.90 -0.21 14.55
CA ASN A 321 -20.01 0.92 13.60
C ASN A 321 -18.61 1.32 13.08
N THR A 322 -17.74 0.35 12.80
CA THR A 322 -16.41 0.61 12.19
C THR A 322 -16.08 -0.49 11.17
N LEU A 323 -15.85 -0.07 9.91
CA LEU A 323 -15.33 -0.93 8.81
C LEU A 323 -13.80 -0.86 8.85
N VAL A 324 -13.15 -2.02 8.98
CA VAL A 324 -11.66 -2.19 8.99
C VAL A 324 -11.27 -3.09 7.81
N ILE A 325 -10.31 -2.62 7.00
CA ILE A 325 -9.78 -3.33 5.80
C ILE A 325 -8.26 -3.46 5.95
N PHE A 326 -7.74 -4.66 5.65
CA PHE A 326 -6.28 -4.91 5.59
C PHE A 326 -5.90 -5.21 4.15
N SER A 327 -4.84 -4.56 3.67
CA SER A 327 -4.23 -4.90 2.36
C SER A 327 -2.76 -4.51 2.32
N SER A 328 -2.15 -4.63 1.12
CA SER A 328 -0.71 -4.34 0.86
C SER A 328 -0.58 -3.54 -0.45
N ASP A 329 0.48 -2.72 -0.58
CA ASP A 329 0.63 -1.75 -1.71
C ASP A 329 1.19 -2.40 -2.99
N ASN A 330 1.96 -3.50 -2.88
CA ASN A 330 2.42 -4.28 -4.07
C ASN A 330 2.82 -5.71 -3.68
N GLY A 331 3.40 -6.46 -4.65
CA GLY A 331 3.83 -7.86 -4.51
C GLY A 331 5.08 -8.04 -3.65
N PRO A 332 5.50 -9.30 -3.39
CA PRO A 332 6.56 -9.56 -2.41
C PRO A 332 7.91 -9.03 -2.93
N HIS A 333 8.85 -8.70 -2.03
CA HIS A 333 10.13 -8.04 -2.38
C HIS A 333 11.33 -9.01 -2.22
N GLU A 334 12.51 -8.60 -2.71
CA GLU A 334 13.82 -9.29 -2.53
C GLU A 334 14.91 -8.27 -2.17
N GLU A 335 14.59 -7.26 -1.35
CA GLU A 335 15.54 -6.21 -0.92
C GLU A 335 16.00 -6.46 0.53
N GLY A 336 17.22 -6.01 0.85
CA GLY A 336 17.75 -5.99 2.23
C GLY A 336 17.84 -7.36 2.89
N GLY A 337 17.93 -8.42 2.09
CA GLY A 337 18.12 -9.81 2.56
C GLY A 337 16.87 -10.66 2.46
N ALA A 338 15.77 -10.07 2.01
CA ALA A 338 14.50 -10.81 1.77
C ALA A 338 14.78 -11.95 0.79
N ASP A 339 14.08 -13.08 0.95
CA ASP A 339 14.26 -14.37 0.21
C ASP A 339 12.87 -14.88 -0.21
N PRO A 340 12.19 -14.17 -1.13
CA PRO A 340 10.83 -14.55 -1.54
C PRO A 340 10.73 -15.98 -2.06
N THR A 341 11.84 -16.55 -2.55
CA THR A 341 11.91 -17.94 -3.05
C THR A 341 11.68 -18.93 -1.89
N PHE A 342 12.36 -18.77 -0.75
CA PHE A 342 12.18 -19.62 0.45
C PHE A 342 10.74 -19.50 0.95
N PHE A 343 10.23 -18.28 1.17
CA PHE A 343 8.88 -18.04 1.76
C PHE A 343 7.75 -18.38 0.76
N GLY A 344 8.07 -18.50 -0.54
CA GLY A 344 7.11 -18.74 -1.64
C GLY A 344 7.03 -20.21 -2.05
N ARG A 345 7.54 -21.11 -1.22
CA ARG A 345 7.70 -22.57 -1.52
C ARG A 345 6.38 -23.13 -2.09
N ASP A 346 5.23 -22.82 -1.47
CA ASP A 346 3.90 -23.41 -1.80
C ASP A 346 3.00 -22.41 -2.55
N GLY A 347 3.50 -21.25 -2.98
CA GLY A 347 2.72 -20.19 -3.65
C GLY A 347 2.39 -20.56 -5.10
N LYS A 348 1.33 -19.94 -5.65
CA LYS A 348 0.73 -20.27 -6.97
C LYS A 348 1.03 -19.22 -8.05
N LEU A 349 1.47 -18.00 -7.68
CA LEU A 349 1.53 -16.83 -8.62
C LEU A 349 2.97 -16.59 -9.07
N ARG A 350 3.11 -16.12 -10.31
CA ARG A 350 4.42 -15.80 -10.95
C ARG A 350 4.79 -14.34 -10.66
N GLY A 351 5.98 -14.07 -10.11
CA GLY A 351 6.64 -12.75 -10.18
C GLY A 351 6.70 -12.03 -8.83
N LEU A 352 7.50 -10.96 -8.80
CA LEU A 352 7.67 -10.10 -7.62
C LEU A 352 7.14 -8.69 -7.95
N LYS A 353 7.31 -7.79 -6.98
CA LYS A 353 7.22 -6.30 -7.08
C LYS A 353 7.93 -5.85 -8.36
N ARG A 354 7.32 -4.91 -9.10
CA ARG A 354 7.77 -4.30 -10.39
C ARG A 354 7.27 -5.09 -11.62
N GLN A 355 6.60 -6.24 -11.45
CA GLN A 355 6.17 -7.07 -12.60
C GLN A 355 4.64 -7.01 -12.78
N CYS A 356 4.15 -6.90 -14.01
CA CYS A 356 2.69 -6.88 -14.28
C CYS A 356 2.18 -8.33 -14.37
N TYR A 357 3.08 -9.32 -14.16
CA TYR A 357 2.73 -10.73 -13.81
C TYR A 357 1.96 -10.73 -12.48
N GLU A 358 1.00 -11.67 -12.32
CA GLU A 358 -0.01 -11.73 -11.23
C GLU A 358 0.64 -11.54 -9.86
N GLY A 359 1.87 -12.04 -9.65
CA GLY A 359 2.57 -11.98 -8.34
C GLY A 359 2.93 -10.55 -7.95
N GLY A 360 3.06 -9.66 -8.94
CA GLY A 360 3.49 -8.26 -8.72
C GLY A 360 2.34 -7.34 -8.36
N ILE A 361 1.11 -7.70 -8.73
CA ILE A 361 -0.08 -6.81 -8.64
C ILE A 361 -1.13 -7.39 -7.68
N ARG A 362 -1.43 -8.70 -7.70
CA ARG A 362 -2.51 -9.34 -6.87
C ARG A 362 -2.07 -9.37 -5.39
N ILE A 363 -2.93 -8.92 -4.48
CA ILE A 363 -2.55 -8.70 -3.04
C ILE A 363 -3.61 -9.26 -2.09
N PRO A 364 -3.22 -9.53 -0.81
CA PRO A 364 -4.19 -9.89 0.22
C PRO A 364 -5.15 -8.71 0.49
N PHE A 365 -6.43 -9.01 0.73
CA PHE A 365 -7.51 -8.03 0.99
C PHE A 365 -8.61 -8.66 1.88
N ILE A 366 -8.65 -8.22 3.14
CA ILE A 366 -9.57 -8.76 4.19
C ILE A 366 -10.45 -7.63 4.73
N ALA A 367 -11.78 -7.81 4.76
CA ALA A 367 -12.74 -6.84 5.35
C ALA A 367 -13.53 -7.48 6.50
N ARG A 368 -13.80 -6.68 7.55
CA ARG A 368 -14.53 -7.07 8.79
C ARG A 368 -15.41 -5.91 9.26
N TRP A 369 -16.71 -6.17 9.41
CA TRP A 369 -17.71 -5.20 9.93
C TRP A 369 -18.84 -6.00 10.57
N PRO A 370 -18.74 -6.26 11.89
CA PRO A 370 -19.70 -7.11 12.59
C PRO A 370 -21.17 -6.75 12.29
N GLY A 371 -21.92 -7.71 11.72
CA GLY A 371 -23.36 -7.61 11.46
C GLY A 371 -23.69 -6.86 10.18
N ARG A 372 -22.68 -6.44 9.39
CA ARG A 372 -22.87 -5.74 8.10
C ARG A 372 -22.22 -6.55 6.97
N VAL A 373 -20.92 -6.85 7.14
CA VAL A 373 -20.08 -7.70 6.23
C VAL A 373 -20.18 -9.14 6.70
N PRO A 374 -20.66 -10.09 5.87
CA PRO A 374 -20.86 -11.46 6.32
C PRO A 374 -19.52 -12.14 6.70
N ALA A 375 -19.54 -12.84 7.84
CA ALA A 375 -18.42 -13.53 8.54
C ALA A 375 -18.04 -14.85 7.86
N GLY A 376 -16.76 -15.20 7.87
CA GLY A 376 -16.24 -16.43 7.23
C GLY A 376 -16.69 -16.56 5.78
N THR A 377 -16.47 -15.54 4.95
CA THR A 377 -16.79 -15.57 3.50
C THR A 377 -15.49 -15.42 2.69
N VAL A 378 -15.43 -16.06 1.51
CA VAL A 378 -14.45 -15.76 0.45
C VAL A 378 -15.19 -15.04 -0.69
N ASN A 379 -14.51 -14.15 -1.39
CA ASN A 379 -15.10 -13.27 -2.42
C ASN A 379 -14.16 -13.20 -3.63
N ASP A 380 -14.65 -13.66 -4.79
CA ASP A 380 -13.87 -13.75 -6.06
C ASP A 380 -14.05 -12.49 -6.94
N HIS A 381 -14.77 -11.44 -6.50
CA HIS A 381 -15.05 -10.21 -7.31
C HIS A 381 -13.74 -9.55 -7.78
N ILE A 382 -13.61 -9.33 -9.09
CA ILE A 382 -12.37 -8.75 -9.73
C ILE A 382 -12.41 -7.23 -9.57
N CYS A 383 -11.46 -6.68 -8.80
CA CYS A 383 -11.47 -5.27 -8.33
C CYS A 383 -10.03 -4.82 -8.11
N ALA A 384 -9.81 -3.50 -8.02
CA ALA A 384 -8.49 -2.84 -7.90
C ALA A 384 -8.61 -1.62 -6.99
N PHE A 385 -7.47 -1.03 -6.57
CA PHE A 385 -7.40 0.10 -5.61
C PHE A 385 -8.19 1.31 -6.14
N TYR A 386 -8.29 1.52 -7.45
CA TYR A 386 -9.00 2.71 -8.03
C TYR A 386 -10.51 2.61 -7.81
N ASP A 387 -10.99 1.44 -7.38
CA ASP A 387 -12.41 1.15 -7.01
C ASP A 387 -12.72 1.60 -5.56
N LEU A 388 -11.73 1.98 -4.75
CA LEU A 388 -11.97 2.25 -3.31
C LEU A 388 -12.68 3.62 -3.14
N MET A 389 -12.41 4.57 -4.02
CA MET A 389 -13.02 5.93 -3.93
C MET A 389 -14.54 5.79 -4.05
N PRO A 390 -15.12 5.25 -5.15
CA PRO A 390 -16.57 5.09 -5.25
C PRO A 390 -17.21 4.15 -4.21
N THR A 391 -16.45 3.15 -3.74
CA THR A 391 -16.91 2.18 -2.71
C THR A 391 -17.16 2.91 -1.38
N PHE A 392 -16.21 3.73 -0.91
CA PHE A 392 -16.34 4.51 0.35
C PHE A 392 -17.45 5.56 0.18
N CYS A 393 -17.52 6.20 -1.00
CA CYS A 393 -18.56 7.22 -1.32
C CYS A 393 -19.95 6.59 -1.10
N GLU A 394 -20.19 5.37 -1.59
CA GLU A 394 -21.52 4.66 -1.50
C GLU A 394 -21.80 4.26 -0.05
N ILE A 395 -20.75 3.96 0.73
CA ILE A 395 -20.86 3.51 2.15
C ILE A 395 -21.22 4.70 3.06
N ILE A 396 -20.71 5.91 2.77
CA ILE A 396 -20.90 7.08 3.67
C ILE A 396 -22.12 7.89 3.25
N GLY A 397 -22.80 7.50 2.17
CA GLY A 397 -24.08 8.11 1.74
C GLY A 397 -23.90 9.16 0.66
N GLU A 398 -22.64 9.53 0.36
CA GLU A 398 -22.27 10.57 -0.63
C GLU A 398 -22.66 10.10 -2.03
N LYS A 399 -23.78 10.58 -2.60
CA LYS A 399 -24.30 10.14 -3.92
C LYS A 399 -23.76 11.04 -5.05
N ASN A 400 -23.77 10.50 -6.27
CA ASN A 400 -23.27 11.13 -7.53
C ASN A 400 -22.01 11.95 -7.25
N TYR A 401 -20.96 11.28 -6.77
CA TYR A 401 -19.67 11.87 -6.36
C TYR A 401 -18.97 12.49 -7.58
N VAL A 402 -19.10 11.90 -8.77
CA VAL A 402 -18.36 12.36 -9.98
C VAL A 402 -18.77 13.82 -10.30
N LYS A 403 -20.07 14.11 -10.37
CA LYS A 403 -20.58 15.46 -10.73
C LYS A 403 -20.17 16.44 -9.62
N LYS A 404 -20.18 16.00 -8.36
CA LYS A 404 -19.84 16.88 -7.22
C LYS A 404 -18.38 17.34 -7.36
N TYR A 405 -17.43 16.42 -7.58
CA TYR A 405 -16.00 16.69 -7.29
C TYR A 405 -15.15 16.81 -8.56
N ALA A 406 -15.65 16.47 -9.75
CA ALA A 406 -14.92 16.58 -11.03
C ALA A 406 -14.58 18.05 -11.30
N ASN A 407 -13.42 18.32 -11.90
CA ASN A 407 -12.86 19.68 -12.15
C ASN A 407 -13.35 20.17 -13.52
N LYS A 408 -14.07 21.30 -13.55
CA LYS A 408 -14.72 21.85 -14.77
C LYS A 408 -13.67 22.54 -15.66
N ASP A 409 -12.52 22.94 -15.09
CA ASP A 409 -11.46 23.71 -15.80
C ASP A 409 -10.54 22.77 -16.60
N LYS A 410 -10.84 21.47 -16.61
CA LYS A 410 -10.07 20.39 -17.30
C LYS A 410 -10.81 20.00 -18.58
N GLU A 411 -10.11 19.60 -19.64
CA GLU A 411 -10.70 19.07 -20.89
C GLU A 411 -11.45 17.76 -20.59
N VAL A 412 -10.92 16.95 -19.66
CA VAL A 412 -11.55 15.68 -19.19
C VAL A 412 -10.95 15.34 -17.82
N ASP A 413 -11.80 15.03 -16.83
CA ASP A 413 -11.37 14.63 -15.46
C ASP A 413 -11.72 13.15 -15.27
N TYR A 414 -10.73 12.28 -15.41
CA TYR A 414 -10.90 10.80 -15.40
C TYR A 414 -11.21 10.32 -13.97
N PHE A 415 -12.25 9.47 -13.86
CA PHE A 415 -12.56 8.62 -12.69
C PHE A 415 -12.78 7.21 -13.25
N ASP A 416 -12.02 6.20 -12.82
CA ASP A 416 -11.96 4.86 -13.47
C ASP A 416 -12.64 3.79 -12.59
N GLY A 417 -13.02 4.10 -11.35
CA GLY A 417 -13.49 3.09 -10.35
C GLY A 417 -14.94 2.64 -10.54
N ILE A 418 -15.24 1.41 -10.15
CA ILE A 418 -16.62 0.84 -9.93
C ILE A 418 -16.69 0.41 -8.45
N SER A 419 -17.72 0.87 -7.72
CA SER A 419 -17.97 0.51 -6.29
C SER A 419 -18.25 -1.00 -6.14
N PHE A 420 -17.61 -1.65 -5.16
CA PHE A 420 -17.87 -3.07 -4.85
C PHE A 420 -18.51 -3.17 -3.45
N ALA A 421 -19.26 -2.14 -3.04
CA ALA A 421 -19.95 -2.10 -1.73
C ALA A 421 -21.05 -3.14 -1.70
N PRO A 422 -21.83 -3.31 -2.80
CA PRO A 422 -22.82 -4.40 -2.87
C PRO A 422 -22.28 -5.78 -2.49
N THR A 423 -21.24 -6.26 -3.16
CA THR A 423 -20.64 -7.61 -2.91
C THR A 423 -20.00 -7.69 -1.52
N LEU A 424 -19.42 -6.60 -1.03
CA LEU A 424 -18.84 -6.48 0.34
C LEU A 424 -19.91 -6.70 1.44
N LEU A 425 -21.18 -6.38 1.16
CA LEU A 425 -22.32 -6.58 2.08
C LEU A 425 -23.20 -7.75 1.60
N GLY A 426 -22.69 -8.53 0.63
CA GLY A 426 -23.39 -9.65 -0.03
C GLY A 426 -24.83 -9.33 -0.39
N LYS A 427 -25.12 -8.12 -0.91
CA LYS A 427 -26.51 -7.70 -1.25
C LYS A 427 -26.71 -7.77 -2.78
N LYS A 428 -27.46 -6.84 -3.37
CA LYS A 428 -27.94 -6.90 -4.78
C LYS A 428 -27.24 -5.86 -5.67
N LYS A 429 -26.89 -6.25 -6.90
CA LYS A 429 -26.64 -5.38 -8.09
C LYS A 429 -25.14 -5.18 -8.32
N GLN A 430 -24.30 -6.20 -8.07
CA GLN A 430 -22.82 -6.05 -8.24
C GLN A 430 -22.47 -5.93 -9.73
N LYS A 431 -21.82 -4.82 -10.11
CA LYS A 431 -21.41 -4.50 -11.50
C LYS A 431 -19.96 -4.94 -11.70
N GLU A 432 -19.61 -5.27 -12.95
CA GLU A 432 -18.34 -5.92 -13.34
C GLU A 432 -17.57 -5.00 -14.28
N HIS A 433 -16.24 -4.94 -14.12
CA HIS A 433 -15.30 -4.31 -15.07
C HIS A 433 -15.29 -5.09 -16.40
N ASP A 434 -15.27 -4.39 -17.53
CA ASP A 434 -14.87 -5.00 -18.83
C ASP A 434 -13.39 -5.39 -18.72
N PHE A 435 -12.59 -4.56 -18.05
CA PHE A 435 -11.13 -4.76 -17.95
C PHE A 435 -10.59 -4.17 -16.65
N LEU A 436 -9.40 -4.64 -16.22
CA LEU A 436 -8.45 -3.90 -15.36
C LEU A 436 -7.24 -3.54 -16.24
N TYR A 437 -6.54 -2.44 -15.90
CA TYR A 437 -5.37 -1.88 -16.64
C TYR A 437 -4.27 -1.42 -15.66
N TRP A 438 -3.01 -1.70 -16.01
CA TRP A 438 -1.76 -1.27 -15.31
C TRP A 438 -0.68 -0.96 -16.38
N GLU A 439 0.19 0.04 -16.13
CA GLU A 439 1.44 0.28 -16.91
C GLU A 439 2.55 0.67 -15.94
N PHE A 440 3.80 0.26 -16.21
CA PHE A 440 4.97 0.56 -15.34
C PHE A 440 6.25 0.76 -16.16
N ASN A 441 6.95 1.90 -15.92
CA ASN A 441 8.15 2.36 -16.68
C ASN A 441 9.39 1.46 -16.47
N GLU A 442 9.72 1.07 -15.22
CA GLU A 442 11.06 0.46 -14.91
C GLU A 442 11.24 -0.83 -15.71
N THR A 443 10.26 -1.72 -15.75
CA THR A 443 10.31 -3.00 -16.51
C THR A 443 9.68 -2.83 -17.91
N ASN A 444 9.12 -1.64 -18.22
CA ASN A 444 8.50 -1.30 -19.53
C ASN A 444 7.44 -2.34 -19.87
N GLN A 445 6.43 -2.47 -19.00
CA GLN A 445 5.33 -3.45 -19.13
C GLN A 445 3.97 -2.78 -19.10
N ILE A 446 2.99 -3.45 -19.73
CA ILE A 446 1.55 -3.11 -19.64
C ILE A 446 0.82 -4.41 -19.29
N GLY A 447 -0.14 -4.32 -18.38
CA GLY A 447 -1.01 -5.44 -17.99
C GLY A 447 -2.45 -5.09 -18.19
N VAL A 448 -3.22 -6.05 -18.72
CA VAL A 448 -4.70 -6.01 -18.91
C VAL A 448 -5.27 -7.34 -18.42
N ARG A 449 -6.34 -7.31 -17.64
CA ARG A 449 -7.16 -8.52 -17.33
C ARG A 449 -8.59 -8.27 -17.82
N MET A 450 -9.11 -9.22 -18.59
CA MET A 450 -10.49 -9.24 -19.14
C MET A 450 -11.08 -10.65 -18.92
N GLY A 451 -11.59 -10.93 -17.72
CA GLY A 451 -12.14 -12.22 -17.32
C GLY A 451 -11.04 -13.26 -17.11
N ASP A 452 -11.19 -14.42 -17.74
CA ASP A 452 -10.17 -15.51 -17.71
C ASP A 452 -8.87 -15.09 -18.41
N TRP A 453 -8.87 -14.05 -19.25
CA TRP A 453 -7.71 -13.69 -20.13
C TRP A 453 -6.84 -12.57 -19.50
N LYS A 454 -5.51 -12.71 -19.64
CA LYS A 454 -4.49 -11.81 -19.04
C LYS A 454 -3.37 -11.55 -20.06
N MET A 455 -3.04 -10.27 -20.30
CA MET A 455 -2.01 -9.83 -21.27
C MET A 455 -0.88 -9.15 -20.51
N VAL A 456 0.35 -9.56 -20.77
CA VAL A 456 1.58 -8.83 -20.32
C VAL A 456 2.35 -8.44 -21.58
N VAL A 457 2.47 -7.13 -21.80
CA VAL A 457 3.32 -6.55 -22.89
C VAL A 457 4.70 -6.32 -22.27
N LYS A 458 5.75 -6.76 -22.97
CA LYS A 458 7.15 -6.55 -22.58
C LYS A 458 7.84 -5.83 -23.75
N LYS A 459 8.37 -4.63 -23.49
CA LYS A 459 9.10 -3.78 -24.49
C LYS A 459 8.31 -3.77 -25.82
N GLY A 460 6.98 -3.68 -25.75
CA GLY A 460 6.08 -3.50 -26.91
C GLY A 460 5.56 -4.83 -27.48
N ILE A 461 6.00 -5.99 -26.96
CA ILE A 461 5.55 -7.33 -27.49
C ILE A 461 4.53 -7.96 -26.56
N PRO A 462 3.29 -8.26 -27.03
CA PRO A 462 2.27 -8.89 -26.20
C PRO A 462 2.47 -10.40 -25.95
N PHE A 463 2.42 -10.79 -24.67
CA PHE A 463 2.33 -12.19 -24.17
C PHE A 463 0.91 -12.40 -23.62
N LEU A 464 0.28 -13.55 -23.89
CA LEU A 464 -1.12 -13.86 -23.48
C LEU A 464 -1.17 -15.17 -22.65
N TYR A 465 -1.99 -15.18 -21.59
CA TYR A 465 -2.19 -16.35 -20.70
C TYR A 465 -3.66 -16.45 -20.29
N ASN A 466 -4.13 -17.70 -20.12
CA ASN A 466 -5.46 -18.03 -19.55
C ASN A 466 -5.25 -18.40 -18.07
N LEU A 467 -5.85 -17.63 -17.16
CA LEU A 467 -5.62 -17.75 -15.70
C LEU A 467 -6.39 -18.96 -15.12
N ALA A 468 -7.42 -19.43 -15.83
CA ALA A 468 -8.28 -20.59 -15.44
C ALA A 468 -7.54 -21.91 -15.69
N THR A 469 -6.77 -21.98 -16.77
CA THR A 469 -5.95 -23.18 -17.11
C THR A 469 -4.48 -22.95 -16.72
N ASP A 470 -4.04 -21.73 -16.37
CA ASP A 470 -2.58 -21.39 -16.25
C ASP A 470 -2.33 -20.20 -15.31
N ILE A 471 -2.61 -20.33 -14.01
CA ILE A 471 -2.51 -19.24 -12.98
C ILE A 471 -1.05 -18.77 -12.83
N HIS A 472 -0.06 -19.66 -13.02
CA HIS A 472 1.38 -19.34 -12.87
C HIS A 472 1.92 -18.64 -14.14
N GLU A 473 1.10 -18.45 -15.17
CA GLU A 473 1.45 -17.66 -16.40
C GLU A 473 2.71 -18.28 -17.02
N ASP A 474 2.66 -19.60 -17.25
CA ASP A 474 3.75 -20.44 -17.83
C ASP A 474 3.67 -20.55 -19.37
N ASN A 475 2.49 -20.41 -19.99
CA ASN A 475 2.26 -20.74 -21.42
C ASN A 475 1.71 -19.51 -22.17
N ASN A 476 2.56 -18.87 -22.98
CA ASN A 476 2.16 -17.75 -23.87
C ASN A 476 1.37 -18.33 -25.03
N VAL A 477 0.09 -17.99 -25.16
CA VAL A 477 -0.79 -18.57 -26.21
C VAL A 477 -1.28 -17.45 -27.15
N ALA A 478 -0.49 -16.39 -27.30
CA ALA A 478 -0.78 -15.26 -28.23
C ALA A 478 -0.97 -15.79 -29.66
N ASP A 479 -0.22 -16.83 -30.05
CA ASP A 479 -0.26 -17.49 -31.39
C ASP A 479 -1.65 -18.04 -31.68
N GLN A 480 -2.28 -18.69 -30.71
CA GLN A 480 -3.58 -19.37 -30.94
C GLN A 480 -4.72 -18.35 -30.82
N HIS A 481 -4.47 -17.16 -30.28
CA HIS A 481 -5.57 -16.20 -30.00
C HIS A 481 -5.25 -14.78 -30.50
N PRO A 482 -5.19 -14.50 -31.83
CA PRO A 482 -5.02 -13.14 -32.36
C PRO A 482 -6.26 -12.21 -32.27
N GLU A 483 -7.48 -12.73 -32.42
CA GLU A 483 -8.72 -11.92 -32.19
C GLU A 483 -8.70 -11.34 -30.75
N ILE A 484 -8.30 -12.13 -29.75
CA ILE A 484 -8.26 -11.68 -28.33
C ILE A 484 -7.12 -10.67 -28.17
N VAL A 485 -5.97 -10.92 -28.82
CA VAL A 485 -4.75 -10.06 -28.70
C VAL A 485 -5.07 -8.65 -29.20
N GLU A 486 -5.77 -8.52 -30.35
CA GLU A 486 -6.13 -7.20 -30.98
C GLU A 486 -7.13 -6.48 -30.07
N LYS A 487 -8.19 -7.15 -29.63
CA LYS A 487 -9.18 -6.60 -28.67
C LYS A 487 -8.45 -5.94 -27.46
N MET A 488 -7.52 -6.66 -26.85
CA MET A 488 -6.81 -6.23 -25.62
C MET A 488 -5.81 -5.12 -25.96
N LYS A 489 -5.33 -5.03 -27.21
CA LYS A 489 -4.54 -3.85 -27.68
C LYS A 489 -5.51 -2.65 -27.88
N ALA A 490 -6.70 -2.90 -28.41
CA ALA A 490 -7.77 -1.87 -28.58
C ALA A 490 -8.06 -1.19 -27.24
N VAL A 491 -7.98 -1.93 -26.13
CA VAL A 491 -8.18 -1.38 -24.74
C VAL A 491 -6.98 -0.51 -24.37
N ILE A 492 -5.76 -0.99 -24.65
CA ILE A 492 -4.50 -0.26 -24.30
C ILE A 492 -4.55 1.08 -25.03
N PHE A 493 -5.01 1.11 -26.29
CA PHE A 493 -4.96 2.31 -27.16
C PHE A 493 -5.98 3.34 -26.66
N ALA A 494 -7.13 2.87 -26.17
CA ALA A 494 -8.22 3.75 -25.69
C ALA A 494 -7.91 4.28 -24.28
N GLN A 495 -7.10 3.58 -23.47
CA GLN A 495 -6.99 3.83 -22.00
C GLN A 495 -5.72 4.60 -21.65
N HIS A 496 -4.64 4.48 -22.45
CA HIS A 496 -3.33 5.17 -22.19
C HIS A 496 -3.36 6.61 -22.73
N THR A 497 -3.07 7.58 -21.86
CA THR A 497 -2.89 9.00 -22.24
C THR A 497 -1.43 9.38 -21.98
N PRO A 498 -0.87 10.33 -22.78
CA PRO A 498 0.43 10.91 -22.50
C PRO A 498 0.62 11.36 -21.04
N ASN A 499 1.76 11.01 -20.47
CA ASN A 499 2.30 11.61 -19.22
C ASN A 499 3.77 11.89 -19.49
N PRO A 500 4.24 13.15 -19.29
CA PRO A 500 5.61 13.53 -19.66
C PRO A 500 6.66 12.98 -18.70
N HIS A 501 6.30 12.58 -17.47
CA HIS A 501 7.21 12.17 -16.37
C HIS A 501 7.53 10.67 -16.40
N PHE A 502 6.63 9.83 -16.93
CA PHE A 502 6.74 8.35 -16.88
C PHE A 502 6.31 7.79 -18.25
N SER A 503 7.14 7.00 -18.92
CA SER A 503 6.87 6.51 -20.29
C SER A 503 6.93 4.96 -20.37
N VAL A 504 6.15 4.36 -21.28
CA VAL A 504 6.16 2.92 -21.65
C VAL A 504 6.08 2.79 -23.18
N THR A 505 6.49 1.63 -23.71
CA THR A 505 6.40 1.31 -25.15
C THR A 505 5.06 0.65 -25.41
N LEU A 506 4.20 1.29 -26.19
CA LEU A 506 2.92 0.71 -26.68
C LEU A 506 3.22 -0.33 -27.77
N PRO A 507 2.36 -1.36 -27.91
CA PRO A 507 2.50 -2.35 -28.99
C PRO A 507 2.06 -1.79 -30.35
N GLU A 508 2.46 -2.47 -31.43
CA GLU A 508 2.30 -2.04 -32.85
C GLU A 508 0.82 -2.00 -33.27
N LYS A 509 0.41 -0.96 -34.00
CA LYS A 509 -0.93 -0.83 -34.65
C LYS A 509 -0.75 -0.82 -36.17
#